data_5D2D
#
_entry.id   5D2D
#
_cell.length_a   112.862
_cell.length_b   112.862
_cell.length_c   158.192
_cell.angle_alpha   90.00
_cell.angle_beta   90.00
_cell.angle_gamma   90.00
#
_symmetry.space_group_name_H-M   'P 41 21 2'
#
loop_
_entity.id
_entity.type
_entity.pdbx_description
1 polymer '14-3-3 protein zeta/delta'
2 polymer 'Cystic fibrosis transmembrane conductance regulator'
3 branched beta-D-fructofuranose-(2-1)-alpha-D-glucopyranose
4 non-polymer 'CHLORIDE ION'
5 water water
#
loop_
_entity_poly.entity_id
_entity_poly.type
_entity_poly.pdbx_seq_one_letter_code
_entity_poly.pdbx_strand_id
1 'polypeptide(L)'
;MDKNELVQKAKLAEQAERYDDMAACMKSVTEQGAELSNEERNLLSVAYKNVVGARRSSWRVVSSIEQKTEGAEKKQQMAR
EYREKIETELRDICNDVLSLLEKFLIPNASQAESKVFYLKMKGDYYRYLAEVAAGDDKKGIVDQSQQAYQEAFEISKKEM
QPTHPIRLGLALNFSVFYYEILNSPEKACSLAKTAFDEAIAELDTLSEESYKDSTLIMQLLRDNLTLWTS
;
A,B
2 'polypeptide(L)' AILPRI(SEP)VISTGPTLQARRRQ(SEP)VLNLMT C
#
loop_
_chem_comp.id
_chem_comp.type
_chem_comp.name
_chem_comp.formula
CL non-polymer 'CHLORIDE ION' 'Cl -1'
FRU D-saccharide, beta linking beta-D-fructofuranose 'C6 H12 O6'
GLC D-saccharide, alpha linking alpha-D-glucopyranose 'C6 H12 O6'
#
# COMPACT_ATOMS: atom_id res chain seq x y z
N MET A 1 -8.77 3.87 26.26
CA MET A 1 -7.91 2.69 26.38
C MET A 1 -6.65 3.02 27.15
N ASP A 2 -6.06 1.99 27.77
CA ASP A 2 -4.79 2.17 28.43
C ASP A 2 -3.66 1.89 27.44
N LYS A 3 -2.44 2.21 27.86
CA LYS A 3 -1.29 2.21 26.97
C LYS A 3 -1.05 0.85 26.32
N ASN A 4 -1.15 -0.22 27.10
CA ASN A 4 -0.81 -1.54 26.59
C ASN A 4 -1.79 -2.05 25.56
N GLU A 5 -3.06 -1.70 25.71
CA GLU A 5 -4.06 -2.03 24.70
C GLU A 5 -3.77 -1.32 23.38
N LEU A 6 -3.49 -0.03 23.46
CA LEU A 6 -3.09 0.77 22.31
C LEU A 6 -1.82 0.25 21.62
N VAL A 7 -0.81 -0.11 22.41
CA VAL A 7 0.43 -0.64 21.86
C VAL A 7 0.24 -1.99 21.14
N GLN A 8 -0.58 -2.87 21.72
CA GLN A 8 -0.84 -4.15 21.10
C GLN A 8 -1.68 -4.00 19.81
N LYS A 9 -2.62 -3.05 19.83
CA LYS A 9 -3.39 -2.76 18.63
C LYS A 9 -2.49 -2.19 17.53
N ALA A 10 -1.53 -1.33 17.91
CA ALA A 10 -0.56 -0.80 16.97
C ALA A 10 0.23 -1.93 16.30
N LYS A 11 0.57 -2.95 17.09
CA LYS A 11 1.38 -4.06 16.57
C LYS A 11 0.56 -4.95 15.63
N LEU A 12 -0.72 -5.10 15.94
CA LEU A 12 -1.65 -5.82 15.07
C LEU A 12 -1.79 -5.11 13.73
N ALA A 13 -1.99 -3.79 13.80
CA ALA A 13 -2.16 -2.97 12.62
C ALA A 13 -0.89 -3.02 11.76
N GLU A 14 0.27 -3.01 12.40
CA GLU A 14 1.53 -3.11 11.68
C GLU A 14 1.59 -4.44 10.93
N GLN A 15 1.13 -5.52 11.57
CA GLN A 15 1.19 -6.85 10.95
C GLN A 15 0.23 -6.91 9.77
N ALA A 16 -0.91 -6.25 9.95
CA ALA A 16 -1.95 -6.20 8.94
C ALA A 16 -1.64 -5.17 7.83
N GLU A 17 -0.48 -4.50 7.93
CA GLU A 17 -0.10 -3.41 7.01
C GLU A 17 -1.14 -2.29 6.93
N ARG A 18 -1.75 -1.96 8.06
CA ARG A 18 -2.72 -0.87 8.12
C ARG A 18 -2.10 0.27 8.88
N TYR A 19 -1.31 1.09 8.20
CA TYR A 19 -0.43 2.01 8.88
C TYR A 19 -1.15 3.23 9.42
N ASP A 20 -2.29 3.59 8.83
CA ASP A 20 -3.07 4.72 9.37
C ASP A 20 -3.56 4.36 10.77
N ASP A 21 -4.08 3.14 10.94
CA ASP A 21 -4.48 2.61 12.24
C ASP A 21 -3.30 2.59 13.21
N MET A 22 -2.17 2.10 12.73
CA MET A 22 -0.96 2.01 13.52
C MET A 22 -0.56 3.40 14.07
N ALA A 23 -0.56 4.40 13.21
CA ALA A 23 -0.19 5.76 13.61
C ALA A 23 -1.19 6.38 14.60
N ALA A 24 -2.47 6.15 14.38
CA ALA A 24 -3.49 6.65 15.31
C ALA A 24 -3.30 6.05 16.69
N CYS A 25 -3.01 4.76 16.76
CA CYS A 25 -2.75 4.11 18.03
C CYS A 25 -1.58 4.76 18.75
N MET A 26 -0.48 4.96 18.04
CA MET A 26 0.73 5.46 18.68
C MET A 26 0.64 6.95 18.99
N LYS A 27 -0.17 7.67 18.23
CA LYS A 27 -0.46 9.07 18.53
C LYS A 27 -1.17 9.18 19.90
N SER A 28 -2.14 8.31 20.12
CA SER A 28 -2.87 8.22 21.40
C SER A 28 -1.94 7.87 22.53
N VAL A 29 -1.07 6.87 22.31
CA VAL A 29 -0.07 6.54 23.31
C VAL A 29 0.80 7.75 23.67
N THR A 30 1.29 8.45 22.64
CA THR A 30 2.13 9.62 22.85
C THR A 30 1.37 10.70 23.67
N GLU A 31 0.08 10.84 23.38
CA GLU A 31 -0.70 11.91 23.99
C GLU A 31 -1.04 11.64 25.47
N GLN A 32 -0.77 10.43 25.95
CA GLN A 32 -0.92 10.16 27.37
C GLN A 32 0.14 10.87 28.20
N GLY A 33 1.20 11.34 27.55
CA GLY A 33 2.14 12.23 28.21
C GLY A 33 3.38 11.64 28.84
N ALA A 34 3.48 10.32 28.89
CA ALA A 34 4.70 9.68 29.39
C ALA A 34 5.74 9.53 28.27
N GLU A 35 7.02 9.67 28.63
CA GLU A 35 8.14 9.45 27.74
C GLU A 35 8.07 8.06 27.10
N LEU A 36 8.24 8.00 25.79
CA LEU A 36 8.08 6.73 25.06
C LEU A 36 9.28 5.82 25.31
N SER A 37 9.06 4.52 25.42
CA SER A 37 10.15 3.58 25.44
C SER A 37 10.74 3.43 24.01
N ASN A 38 11.90 2.79 23.89
CA ASN A 38 12.49 2.57 22.57
C ASN A 38 11.52 1.83 21.65
N GLU A 39 10.83 0.83 22.20
CA GLU A 39 9.85 0.09 21.41
C GLU A 39 8.67 0.94 20.94
N GLU A 40 8.12 1.75 21.83
CA GLU A 40 7.01 2.65 21.47
C GLU A 40 7.46 3.71 20.45
N ARG A 41 8.66 4.24 20.65
CA ARG A 41 9.25 5.19 19.70
C ARG A 41 9.37 4.59 18.29
N ASN A 42 9.84 3.34 18.23
CA ASN A 42 9.97 2.61 16.96
C ASN A 42 8.64 2.39 16.27
N LEU A 43 7.63 1.99 17.03
CA LEU A 43 6.31 1.81 16.47
C LEU A 43 5.75 3.13 15.94
N LEU A 44 5.91 4.21 16.69
CA LEU A 44 5.46 5.53 16.25
C LEU A 44 6.16 5.96 14.94
N SER A 45 7.49 5.87 14.96
CA SER A 45 8.30 6.29 13.83
C SER A 45 8.00 5.47 12.57
N VAL A 46 7.93 4.15 12.70
CA VAL A 46 7.62 3.30 11.56
C VAL A 46 6.23 3.58 11.00
N ALA A 47 5.24 3.75 11.88
CA ALA A 47 3.89 4.06 11.44
C ALA A 47 3.87 5.32 10.56
N TYR A 48 4.39 6.43 11.09
CA TYR A 48 4.32 7.69 10.34
C TYR A 48 5.23 7.70 9.10
N LYS A 49 6.33 6.96 9.15
CA LYS A 49 7.21 6.81 7.99
C LYS A 49 6.43 6.25 6.82
N ASN A 50 5.63 5.23 7.10
CA ASN A 50 4.81 4.59 6.07
C ASN A 50 3.63 5.45 5.62
N VAL A 51 2.95 6.09 6.57
CA VAL A 51 1.84 6.98 6.26
C VAL A 51 2.34 8.19 5.42
N VAL A 52 3.39 8.87 5.84
CA VAL A 52 3.83 10.01 5.04
C VAL A 52 4.51 9.53 3.75
N GLY A 53 5.18 8.38 3.83
CA GLY A 53 5.91 7.84 2.69
C GLY A 53 5.02 7.54 1.50
N ALA A 54 3.83 7.00 1.76
CA ALA A 54 2.88 6.74 0.69
C ALA A 54 2.53 8.04 -0.03
N ARG A 55 2.32 9.12 0.73
CA ARG A 55 2.00 10.41 0.11
C ARG A 55 3.19 11.00 -0.66
N ARG A 56 4.40 10.86 -0.12
CA ARG A 56 5.58 11.37 -0.80
C ARG A 56 5.79 10.66 -2.14
N SER A 57 5.65 9.33 -2.15
CA SER A 57 5.77 8.56 -3.37
C SER A 57 4.68 8.97 -4.40
N SER A 58 3.43 9.02 -3.96
CA SER A 58 2.32 9.42 -4.83
C SER A 58 2.57 10.83 -5.40
N TRP A 59 3.07 11.72 -4.53
CA TRP A 59 3.30 13.10 -4.91
C TRP A 59 4.30 13.20 -6.04
N ARG A 60 5.36 12.41 -5.96
CA ARG A 60 6.42 12.47 -6.95
C ARG A 60 5.95 11.91 -8.31
N VAL A 61 5.12 10.88 -8.27
CA VAL A 61 4.52 10.33 -9.49
C VAL A 61 3.63 11.35 -10.18
N VAL A 62 2.75 11.96 -9.42
CA VAL A 62 1.77 12.89 -9.97
C VAL A 62 2.43 14.21 -10.37
N SER A 63 3.47 14.60 -9.63
CA SER A 63 4.23 15.80 -9.96
C SER A 63 4.90 15.62 -11.30
N SER A 64 5.51 14.45 -11.50
CA SER A 64 6.19 14.12 -12.73
C SER A 64 5.25 14.17 -13.93
N ILE A 65 4.07 13.58 -13.76
CA ILE A 65 3.06 13.56 -14.81
C ILE A 65 2.60 14.97 -15.14
N GLU A 66 2.38 15.78 -14.11
CA GLU A 66 1.94 17.15 -14.29
C GLU A 66 2.96 17.98 -15.07
N GLN A 67 4.24 17.65 -14.91
CA GLN A 67 5.31 18.42 -15.51
C GLN A 67 5.67 17.96 -16.92
N LYS A 68 5.16 16.79 -17.30
CA LYS A 68 5.54 16.18 -18.57
C LYS A 68 4.36 16.06 -19.54
N THR A 69 3.41 16.98 -19.44
CA THR A 69 2.24 16.95 -20.32
C THR A 69 1.89 18.35 -20.82
N GLY A 71 3.00 20.11 -23.25
CA GLY A 71 1.78 20.20 -24.05
C GLY A 71 0.55 20.33 -23.18
N ALA A 72 0.39 21.50 -22.56
CA ALA A 72 -0.66 21.75 -21.59
C ALA A 72 -2.06 21.39 -22.11
N GLU A 73 -2.95 21.10 -21.18
CA GLU A 73 -4.32 20.75 -21.51
C GLU A 73 -5.15 20.87 -20.26
N LYS A 74 -6.37 20.33 -20.31
CA LYS A 74 -7.15 20.14 -19.09
C LYS A 74 -6.51 18.98 -18.33
N LYS A 75 -5.64 18.24 -19.01
CA LYS A 75 -4.86 17.17 -18.42
C LYS A 75 -3.90 17.70 -17.37
N GLN A 76 -3.09 18.69 -17.74
CA GLN A 76 -2.15 19.29 -16.79
C GLN A 76 -2.86 19.86 -15.57
N GLN A 77 -4.05 20.42 -15.76
CA GLN A 77 -4.77 21.00 -14.63
C GLN A 77 -5.28 19.90 -13.71
N MET A 78 -5.69 18.79 -14.31
N MET A 78 -5.71 18.79 -14.30
CA MET A 78 -6.17 17.63 -13.55
CA MET A 78 -6.18 17.64 -13.53
C MET A 78 -5.08 17.13 -12.62
C MET A 78 -5.08 17.12 -12.61
N ALA A 79 -3.89 16.93 -13.18
CA ALA A 79 -2.75 16.46 -12.43
C ALA A 79 -2.37 17.47 -11.35
N ARG A 80 -2.45 18.75 -11.68
CA ARG A 80 -2.14 19.82 -10.73
CA ARG A 80 -2.14 19.81 -10.72
C ARG A 80 -3.07 19.74 -9.51
N GLU A 81 -4.36 19.62 -9.78
CA GLU A 81 -5.34 19.54 -8.71
C GLU A 81 -5.18 18.27 -7.87
N TYR A 82 -4.82 17.15 -8.51
CA TYR A 82 -4.63 15.89 -7.79
C TYR A 82 -3.41 16.01 -6.90
N ARG A 83 -2.36 16.60 -7.45
CA ARG A 83 -1.14 16.89 -6.71
C ARG A 83 -1.43 17.66 -5.44
N GLU A 84 -2.32 18.66 -5.55
CA GLU A 84 -2.68 19.53 -4.44
C GLU A 84 -3.50 18.81 -3.39
N LYS A 85 -4.35 17.88 -3.82
CA LYS A 85 -5.08 17.02 -2.91
C LYS A 85 -4.12 16.17 -2.08
N ILE A 86 -3.10 15.62 -2.75
CA ILE A 86 -2.10 14.79 -2.09
C ILE A 86 -1.24 15.61 -1.12
N GLU A 87 -0.84 16.80 -1.56
CA GLU A 87 -0.06 17.74 -0.75
C GLU A 87 -0.77 18.08 0.56
N THR A 88 -2.08 18.23 0.51
CA THR A 88 -2.86 18.56 1.70
CA THR A 88 -2.85 18.57 1.70
C THR A 88 -2.81 17.42 2.72
N GLU A 89 -2.96 16.19 2.23
CA GLU A 89 -2.82 15.02 3.09
C GLU A 89 -1.42 15.01 3.70
N LEU A 90 -0.44 15.24 2.87
CA LEU A 90 0.95 15.20 3.27
C LEU A 90 1.21 16.24 4.36
N ARG A 91 0.77 17.48 4.13
CA ARG A 91 0.96 18.54 5.12
C ARG A 91 0.26 18.23 6.45
N ASP A 92 -0.97 17.71 6.40
CA ASP A 92 -1.69 17.36 7.62
C ASP A 92 -0.92 16.30 8.42
N ILE A 93 -0.42 15.29 7.72
CA ILE A 93 0.36 14.25 8.38
C ILE A 93 1.58 14.84 9.04
N CYS A 94 2.35 15.65 8.32
CA CYS A 94 3.56 16.24 8.86
C CYS A 94 3.26 17.16 10.04
N ASN A 95 2.20 17.96 9.95
CA ASN A 95 1.83 18.89 11.05
C ASN A 95 1.49 18.09 12.32
N ASP A 96 0.80 16.97 12.16
CA ASP A 96 0.51 16.05 13.26
C ASP A 96 1.80 15.58 13.95
N VAL A 97 2.77 15.15 13.15
CA VAL A 97 4.02 14.66 13.73
C VAL A 97 4.78 15.77 14.41
N LEU A 98 4.84 16.93 13.76
CA LEU A 98 5.58 18.07 14.32
C LEU A 98 4.95 18.60 15.62
N SER A 99 3.63 18.49 15.72
CA SER A 99 2.92 18.83 16.96
C SER A 99 3.25 17.83 18.10
N LEU A 100 3.28 16.54 17.79
CA LEU A 100 3.68 15.55 18.81
C LEU A 100 5.11 15.80 19.28
N LEU A 101 5.99 16.16 18.35
CA LEU A 101 7.36 16.45 18.70
C LEU A 101 7.47 17.64 19.65
N GLU A 102 6.76 18.71 19.32
CA GLU A 102 6.76 19.93 20.13
C GLU A 102 6.13 19.76 21.51
N LYS A 103 4.97 19.11 21.56
CA LYS A 103 4.19 19.03 22.80
C LYS A 103 4.62 17.91 23.74
N PHE A 104 5.11 16.81 23.19
CA PHE A 104 5.39 15.63 24.02
C PHE A 104 6.80 15.06 23.89
N LEU A 105 7.24 14.80 22.66
CA LEU A 105 8.40 13.92 22.45
C LEU A 105 9.71 14.60 22.83
N ILE A 106 9.95 15.78 22.28
CA ILE A 106 11.16 16.52 22.58
C ILE A 106 11.22 16.99 24.06
N PRO A 107 10.12 17.57 24.61
CA PRO A 107 10.15 17.93 26.05
C PRO A 107 10.40 16.74 26.99
N ASN A 108 9.85 15.57 26.70
CA ASN A 108 10.03 14.41 27.57
C ASN A 108 11.32 13.62 27.39
N ALA A 109 12.13 13.95 26.38
CA ALA A 109 13.33 13.15 26.08
C ALA A 109 14.38 13.28 27.19
N SER A 110 14.66 12.19 27.88
CA SER A 110 15.49 12.27 29.10
C SER A 110 16.96 11.98 28.84
N GLN A 111 17.29 11.53 27.65
CA GLN A 111 18.66 11.13 27.30
C GLN A 111 19.12 11.81 26.01
N ALA A 112 20.43 12.02 25.87
CA ALA A 112 20.98 12.69 24.70
C ALA A 112 20.61 11.93 23.41
N GLU A 113 20.66 10.62 23.48
CA GLU A 113 20.31 9.76 22.36
C GLU A 113 18.89 10.04 21.85
N SER A 114 17.93 10.05 22.77
CA SER A 114 16.53 10.30 22.39
CA SER A 114 16.53 10.32 22.43
CA SER A 114 16.53 10.33 22.42
C SER A 114 16.35 11.75 21.95
N LYS A 115 17.05 12.68 22.59
CA LYS A 115 16.93 14.07 22.20
C LYS A 115 17.40 14.29 20.76
N VAL A 116 18.56 13.72 20.41
CA VAL A 116 19.05 13.79 19.04
C VAL A 116 18.08 13.10 18.07
N PHE A 117 17.55 11.96 18.48
CA PHE A 117 16.59 11.24 17.64
C PHE A 117 15.38 12.10 17.29
N TYR A 118 14.81 12.81 18.27
CA TYR A 118 13.59 13.56 18.03
C TYR A 118 13.84 14.85 17.25
N LEU A 119 15.01 15.47 17.46
CA LEU A 119 15.40 16.65 16.69
C LEU A 119 15.70 16.27 15.24
N LYS A 120 16.34 15.12 15.02
CA LYS A 120 16.52 14.61 13.65
C LYS A 120 15.15 14.39 13.00
N MET A 121 14.24 13.78 13.75
CA MET A 121 12.89 13.54 13.26
C MET A 121 12.15 14.86 12.91
N LYS A 122 12.40 15.89 13.71
CA LYS A 122 11.81 17.21 13.43
C LYS A 122 12.40 17.77 12.13
N GLY A 123 13.72 17.67 11.99
CA GLY A 123 14.38 18.04 10.75
C GLY A 123 13.80 17.28 9.55
N ASP A 124 13.61 15.97 9.70
CA ASP A 124 13.05 15.14 8.62
C ASP A 124 11.64 15.60 8.20
N TYR A 125 10.76 15.85 9.15
CA TYR A 125 9.37 16.10 8.76
C TYR A 125 9.20 17.54 8.26
N TYR A 126 10.03 18.48 8.73
CA TYR A 126 10.07 19.80 8.09
C TYR A 126 10.67 19.66 6.68
N ARG A 127 11.63 18.74 6.51
CA ARG A 127 12.21 18.51 5.18
C ARG A 127 11.12 18.02 4.23
N TYR A 128 10.24 17.13 4.71
CA TYR A 128 9.16 16.65 3.85
C TYR A 128 8.19 17.79 3.49
N LEU A 129 7.94 18.70 4.42
CA LEU A 129 7.16 19.90 4.09
C LEU A 129 7.90 20.75 3.03
N ALA A 130 9.22 20.83 3.14
CA ALA A 130 10.03 21.61 2.20
C ALA A 130 10.03 21.03 0.78
N GLU A 131 9.96 19.71 0.66
CA GLU A 131 9.89 19.03 -0.64
C GLU A 131 8.69 19.53 -1.45
N VAL A 132 7.67 19.98 -0.74
CA VAL A 132 6.37 20.23 -1.33
C VAL A 132 6.02 21.76 -1.20
N ALA A 133 6.91 22.51 -0.57
CA ALA A 133 6.63 23.93 -0.33
C ALA A 133 6.93 24.78 -1.58
N ALA A 134 6.14 25.85 -1.75
CA ALA A 134 6.34 26.76 -2.87
C ALA A 134 6.33 28.22 -2.43
N GLY A 135 7.29 28.99 -2.94
CA GLY A 135 7.29 30.44 -2.79
C GLY A 135 7.53 31.01 -1.41
N ASP A 136 6.55 31.78 -0.94
CA ASP A 136 6.67 32.53 0.32
C ASP A 136 6.99 31.65 1.52
N ASP A 137 6.24 30.55 1.64
CA ASP A 137 6.35 29.66 2.78
C ASP A 137 7.64 28.87 2.81
N LYS A 138 8.27 28.69 1.65
CA LYS A 138 9.35 27.73 1.54
C LYS A 138 10.56 28.05 2.42
N LYS A 139 11.03 29.30 2.36
CA LYS A 139 12.23 29.69 3.08
C LYS A 139 12.09 29.40 4.58
N GLY A 140 10.92 29.73 5.12
CA GLY A 140 10.66 29.56 6.53
C GLY A 140 10.74 28.09 6.94
N ILE A 141 10.05 27.26 6.18
CA ILE A 141 10.06 25.80 6.37
C ILE A 141 11.47 25.24 6.28
N VAL A 142 12.22 25.64 5.26
CA VAL A 142 13.61 25.19 5.10
C VAL A 142 14.48 25.57 6.30
N ASP A 143 14.30 26.78 6.83
CA ASP A 143 15.02 27.20 8.02
C ASP A 143 14.68 26.37 9.26
N GLN A 144 13.41 26.04 9.42
CA GLN A 144 12.98 25.21 10.56
CA GLN A 144 12.97 25.21 10.55
C GLN A 144 13.62 23.82 10.48
N SER A 145 13.69 23.25 9.28
CA SER A 145 14.34 21.95 9.10
C SER A 145 15.82 22.04 9.47
N GLN A 146 16.49 23.06 8.93
CA GLN A 146 17.92 23.21 9.11
C GLN A 146 18.30 23.45 10.57
N GLN A 147 17.47 24.23 11.27
CA GLN A 147 17.70 24.50 12.69
C GLN A 147 17.51 23.28 13.58
N ALA A 148 16.51 22.44 13.26
CA ALA A 148 16.35 21.19 14.00
C ALA A 148 17.56 20.30 13.81
N TYR A 149 17.95 20.07 12.54
CA TYR A 149 19.12 19.24 12.21
C TYR A 149 20.38 19.78 12.88
N GLN A 150 20.57 21.11 12.83
CA GLN A 150 21.80 21.70 13.37
C GLN A 150 21.88 21.50 14.88
N GLU A 151 20.75 21.61 15.55
CA GLU A 151 20.71 21.41 16.99
C GLU A 151 20.98 19.94 17.33
N ALA A 152 20.34 19.04 16.59
CA ALA A 152 20.62 17.62 16.71
C ALA A 152 22.12 17.38 16.53
N PHE A 153 22.70 18.03 15.53
CA PHE A 153 24.11 17.83 15.19
C PHE A 153 25.07 18.21 16.32
N GLU A 154 24.79 19.35 16.99
CA GLU A 154 25.64 19.84 18.06
C GLU A 154 25.61 18.95 19.29
N ILE A 155 24.41 18.50 19.65
CA ILE A 155 24.27 17.62 20.79
C ILE A 155 24.96 16.29 20.51
N SER A 156 24.77 15.75 19.31
CA SER A 156 25.35 14.45 18.97
CA SER A 156 25.35 14.46 18.95
C SER A 156 26.88 14.53 18.98
N LYS A 157 27.41 15.63 18.46
CA LYS A 157 28.87 15.82 18.43
C LYS A 157 29.47 15.83 19.84
N LYS A 158 28.73 16.41 20.78
CA LYS A 158 29.23 16.57 22.14
C LYS A 158 28.99 15.33 22.99
N GLU A 159 27.94 14.59 22.69
CA GLU A 159 27.43 13.58 23.60
C GLU A 159 27.54 12.17 23.09
N MET A 160 27.75 11.99 21.78
CA MET A 160 27.71 10.64 21.24
C MET A 160 29.01 10.28 20.53
N GLN A 161 29.30 8.98 20.49
CA GLN A 161 30.43 8.44 19.75
C GLN A 161 30.19 8.54 18.24
N PRO A 162 31.25 8.82 17.47
CA PRO A 162 31.16 8.96 16.01
C PRO A 162 30.52 7.76 15.31
N THR A 163 30.61 6.59 15.95
CA THR A 163 30.02 5.38 15.40
C THR A 163 28.59 5.11 15.85
N HIS A 164 28.03 5.96 16.70
CA HIS A 164 26.65 5.77 17.14
C HIS A 164 25.73 5.90 15.92
N PRO A 165 24.85 4.91 15.70
CA PRO A 165 23.96 4.85 14.53
C PRO A 165 23.07 6.09 14.36
N ILE A 166 22.67 6.70 15.46
CA ILE A 166 21.82 7.88 15.38
C ILE A 166 22.66 9.11 14.98
N ARG A 167 23.90 9.20 15.49
CA ARG A 167 24.79 10.27 15.07
C ARG A 167 25.06 10.15 13.57
N LEU A 168 25.35 8.93 13.14
CA LEU A 168 25.55 8.62 11.71
C LEU A 168 24.32 8.88 10.86
N GLY A 169 23.16 8.47 11.37
CA GLY A 169 21.92 8.64 10.62
C GLY A 169 21.52 10.10 10.50
N LEU A 170 21.77 10.88 11.54
CA LEU A 170 21.58 12.32 11.47
C LEU A 170 22.48 12.92 10.37
N ALA A 171 23.75 12.52 10.34
CA ALA A 171 24.68 13.05 9.33
C ALA A 171 24.17 12.71 7.94
N LEU A 172 23.68 11.48 7.76
CA LEU A 172 23.10 11.05 6.49
C LEU A 172 21.93 11.93 6.05
N ASN A 173 20.91 12.10 6.89
CA ASN A 173 19.71 12.85 6.47
C ASN A 173 19.97 14.37 6.36
N PHE A 174 20.85 14.88 7.20
CA PHE A 174 21.23 16.29 7.14
C PHE A 174 22.00 16.55 5.84
N SER A 175 22.87 15.62 5.44
CA SER A 175 23.57 15.75 4.16
CA SER A 175 23.56 15.72 4.16
C SER A 175 22.57 15.69 2.99
N VAL A 176 21.58 14.80 3.06
CA VAL A 176 20.52 14.77 2.05
C VAL A 176 19.76 16.11 1.97
N PHE A 177 19.49 16.70 3.14
CA PHE A 177 18.85 18.02 3.22
C PHE A 177 19.67 19.07 2.45
N TYR A 178 20.97 19.11 2.71
CA TYR A 178 21.88 20.01 2.01
C TYR A 178 21.85 19.76 0.51
N TYR A 179 22.04 18.51 0.12
CA TYR A 179 22.14 18.18 -1.30
C TYR A 179 20.87 18.57 -2.05
N GLU A 180 19.74 18.26 -1.46
CA GLU A 180 18.49 18.16 -2.18
C GLU A 180 17.57 19.36 -1.91
N ILE A 181 17.61 19.88 -0.69
CA ILE A 181 16.73 20.99 -0.36
C ILE A 181 17.45 22.33 -0.54
N LEU A 182 18.67 22.44 -0.05
CA LEU A 182 19.46 23.66 -0.21
C LEU A 182 20.27 23.71 -1.49
N ASN A 183 20.23 22.63 -2.27
CA ASN A 183 21.04 22.50 -3.48
CA ASN A 183 21.05 22.51 -3.49
C ASN A 183 22.49 22.93 -3.23
N SER A 184 23.08 22.39 -2.17
CA SER A 184 24.48 22.66 -1.80
C SER A 184 25.28 21.36 -1.75
N PRO A 185 25.67 20.83 -2.92
CA PRO A 185 26.34 19.53 -3.04
C PRO A 185 27.64 19.46 -2.26
N GLU A 186 28.39 20.56 -2.27
CA GLU A 186 29.69 20.60 -1.64
C GLU A 186 29.61 20.40 -0.14
N LYS A 187 28.62 21.05 0.49
CA LYS A 187 28.45 20.91 1.93
C LYS A 187 27.86 19.53 2.24
N ALA A 188 27.00 19.04 1.36
CA ALA A 188 26.40 17.72 1.55
C ALA A 188 27.49 16.65 1.59
N CYS A 189 28.41 16.73 0.63
CA CYS A 189 29.48 15.74 0.53
C CYS A 189 30.47 15.85 1.67
N SER A 190 30.78 17.08 2.08
CA SER A 190 31.70 17.31 3.18
CA SER A 190 31.72 17.28 3.18
C SER A 190 31.16 16.76 4.50
N LEU A 191 29.87 16.97 4.70
CA LEU A 191 29.21 16.54 5.92
C LEU A 191 29.23 15.04 6.02
N ALA A 192 28.83 14.41 4.96
CA ALA A 192 28.76 12.94 4.86
C ALA A 192 30.14 12.28 4.97
N LYS A 193 31.14 12.85 4.31
CA LYS A 193 32.50 12.29 4.35
C LYS A 193 33.12 12.38 5.73
N THR A 194 32.91 13.52 6.38
CA THR A 194 33.46 13.71 7.73
C THR A 194 32.87 12.70 8.72
N ALA A 195 31.56 12.51 8.67
CA ALA A 195 30.92 11.53 9.54
C ALA A 195 31.47 10.13 9.26
N PHE A 196 31.62 9.79 7.98
CA PHE A 196 32.17 8.50 7.59
C PHE A 196 33.59 8.31 8.16
N ASP A 197 34.46 9.29 7.89
CA ASP A 197 35.87 9.19 8.28
C ASP A 197 36.07 9.16 9.80
N GLU A 198 35.23 9.90 10.54
CA GLU A 198 35.37 9.90 11.99
C GLU A 198 34.89 8.59 12.58
N ALA A 199 33.99 7.91 11.88
CA ALA A 199 33.51 6.61 12.34
C ALA A 199 34.52 5.48 12.07
N ILE A 200 35.17 5.47 10.90
CA ILE A 200 36.14 4.39 10.63
C ILE A 200 37.29 4.49 11.63
N ALA A 201 37.70 5.72 11.95
CA ALA A 201 38.79 5.94 12.90
C ALA A 201 38.56 5.31 14.28
N GLU A 202 37.32 4.92 14.58
CA GLU A 202 37.04 4.29 15.88
C GLU A 202 36.33 2.96 15.77
N LEU A 203 36.30 2.39 14.57
CA LEU A 203 35.54 1.16 14.34
C LEU A 203 36.10 -0.03 15.14
N ASP A 204 37.33 0.09 15.61
CA ASP A 204 37.98 -0.97 16.39
C ASP A 204 37.44 -1.08 17.81
N THR A 205 36.87 0.02 18.31
CA THR A 205 36.24 0.06 19.61
C THR A 205 35.04 -0.88 19.71
N LEU A 206 34.28 -0.98 18.62
CA LEU A 206 32.95 -1.60 18.63
C LEU A 206 32.94 -3.11 18.87
N SER A 207 31.85 -3.58 19.48
CA SER A 207 31.60 -5.00 19.66
C SER A 207 31.09 -5.60 18.35
N GLU A 208 30.80 -6.90 18.35
CA GLU A 208 30.32 -7.57 17.14
C GLU A 208 28.98 -6.99 16.67
N GLU A 209 28.12 -6.66 17.63
CA GLU A 209 26.78 -6.18 17.34
C GLU A 209 26.74 -4.68 17.06
N SER A 210 27.46 -3.90 17.88
CA SER A 210 27.58 -2.45 17.66
C SER A 210 28.12 -2.21 16.26
N TYR A 211 29.11 -3.03 15.88
CA TYR A 211 29.76 -2.95 14.57
C TYR A 211 28.75 -3.06 13.43
N LYS A 212 27.82 -4.01 13.54
CA LYS A 212 26.82 -4.23 12.50
C LYS A 212 25.84 -3.05 12.38
N ASP A 213 25.47 -2.49 13.52
CA ASP A 213 24.60 -1.31 13.57
C ASP A 213 25.26 -0.14 12.85
N SER A 214 26.48 0.18 13.26
CA SER A 214 27.21 1.29 12.70
C SER A 214 27.55 1.09 11.22
N THR A 215 27.97 -0.12 10.83
CA THR A 215 28.42 -0.29 9.44
C THR A 215 27.24 -0.22 8.45
N LEU A 216 26.03 -0.60 8.86
CA LEU A 216 24.89 -0.42 7.95
C LEU A 216 24.71 1.05 7.54
N ILE A 217 24.80 1.98 8.49
CA ILE A 217 24.61 3.38 8.13
C ILE A 217 25.86 3.95 7.46
N MET A 218 27.04 3.44 7.85
CA MET A 218 28.28 3.82 7.17
C MET A 218 28.25 3.46 5.68
N GLN A 219 27.67 2.30 5.35
CA GLN A 219 27.47 1.98 3.94
C GLN A 219 26.57 2.98 3.21
N LEU A 220 25.54 3.47 3.89
CA LEU A 220 24.61 4.42 3.27
C LEU A 220 25.31 5.77 3.01
N LEU A 221 26.12 6.22 3.96
CA LEU A 221 26.93 7.42 3.76
C LEU A 221 27.89 7.24 2.59
N ARG A 222 28.60 6.11 2.59
CA ARG A 222 29.50 5.75 1.49
C ARG A 222 28.78 5.78 0.14
N ASP A 223 27.61 5.14 0.06
CA ASP A 223 26.91 5.04 -1.21
C ASP A 223 26.29 6.36 -1.68
N ASN A 224 25.81 7.18 -0.75
CA ASN A 224 25.32 8.51 -1.14
C ASN A 224 26.47 9.34 -1.72
N LEU A 225 27.62 9.32 -1.03
CA LEU A 225 28.82 10.02 -1.48
C LEU A 225 29.21 9.62 -2.88
N THR A 226 29.27 8.32 -3.11
CA THR A 226 29.61 7.79 -4.42
C THR A 226 28.65 8.34 -5.47
N LEU A 227 27.37 8.34 -5.14
CA LEU A 227 26.35 8.77 -6.08
C LEU A 227 26.53 10.24 -6.43
N TRP A 228 26.92 11.04 -5.44
CA TRP A 228 26.95 12.49 -5.58
C TRP A 228 28.27 13.01 -6.15
N THR A 229 29.30 12.18 -6.12
CA THR A 229 30.62 12.61 -6.59
C THR A 229 31.02 11.92 -7.88
N SER A 230 30.07 11.18 -8.46
CA SER A 230 30.31 10.46 -9.71
C SER A 230 29.40 11.01 -10.80
N MET B 1 -19.78 15.67 -13.47
CA MET B 1 -18.44 15.71 -14.05
C MET B 1 -18.33 14.81 -15.29
N ASP B 2 -17.54 15.26 -16.26
CA ASP B 2 -17.37 14.56 -17.54
C ASP B 2 -16.82 13.14 -17.26
N LYS B 3 -17.41 12.16 -17.94
CA LYS B 3 -16.98 10.77 -17.80
C LYS B 3 -15.52 10.57 -18.19
N ASN B 4 -15.12 11.11 -19.33
CA ASN B 4 -13.73 11.01 -19.80
C ASN B 4 -12.75 11.65 -18.79
N GLU B 5 -13.24 12.63 -18.05
CA GLU B 5 -12.44 13.30 -17.02
C GLU B 5 -12.28 12.42 -15.78
N LEU B 6 -13.37 11.82 -15.31
CA LEU B 6 -13.33 10.81 -14.27
C LEU B 6 -12.39 9.66 -14.63
N VAL B 7 -12.44 9.24 -15.89
CA VAL B 7 -11.58 8.15 -16.35
C VAL B 7 -10.11 8.56 -16.28
N GLN B 8 -9.80 9.80 -16.64
CA GLN B 8 -8.41 10.21 -16.60
C GLN B 8 -7.92 10.39 -15.15
N LYS B 9 -8.82 10.78 -14.26
CA LYS B 9 -8.50 10.78 -12.84
C LYS B 9 -8.28 9.35 -12.32
N ALA B 10 -9.05 8.38 -12.81
CA ALA B 10 -8.89 7.00 -12.36
C ALA B 10 -7.50 6.49 -12.69
N LYS B 11 -7.04 6.85 -13.88
CA LYS B 11 -5.74 6.44 -14.36
C LYS B 11 -4.61 7.13 -13.62
N LEU B 12 -4.82 8.39 -13.26
CA LEU B 12 -3.87 9.12 -12.41
C LEU B 12 -3.76 8.48 -11.03
N ALA B 13 -4.90 8.16 -10.43
CA ALA B 13 -4.94 7.52 -9.11
C ALA B 13 -4.23 6.17 -9.18
N GLU B 14 -4.45 5.45 -10.27
CA GLU B 14 -3.79 4.17 -10.44
C GLU B 14 -2.27 4.30 -10.46
N GLN B 15 -1.76 5.24 -11.25
CA GLN B 15 -0.31 5.44 -11.32
C GLN B 15 0.30 5.85 -9.97
N ALA B 16 -0.47 6.60 -9.19
CA ALA B 16 -0.05 7.04 -7.86
C ALA B 16 -0.29 5.95 -6.78
N GLU B 17 -0.86 4.82 -7.20
CA GLU B 17 -1.20 3.70 -6.33
C GLU B 17 -2.14 4.09 -5.19
N ARG B 18 -3.11 4.95 -5.52
CA ARG B 18 -4.19 5.30 -4.60
C ARG B 18 -5.48 4.63 -5.08
N TYR B 19 -5.66 3.37 -4.71
CA TYR B 19 -6.71 2.58 -5.32
C TYR B 19 -8.10 2.91 -4.79
N ASP B 20 -8.20 3.50 -3.59
CA ASP B 20 -9.52 3.95 -3.13
C ASP B 20 -10.02 5.11 -4.01
N ASP B 21 -9.15 6.08 -4.29
CA ASP B 21 -9.48 7.16 -5.24
C ASP B 21 -9.85 6.58 -6.61
N MET B 22 -9.10 5.58 -7.06
CA MET B 22 -9.35 4.96 -8.34
C MET B 22 -10.74 4.33 -8.39
N ALA B 23 -11.11 3.62 -7.33
CA ALA B 23 -12.42 2.97 -7.26
C ALA B 23 -13.56 3.96 -7.22
N ALA B 24 -13.36 5.05 -6.48
CA ALA B 24 -14.37 6.09 -6.33
C ALA B 24 -14.66 6.74 -7.69
N CYS B 25 -13.61 6.99 -8.47
CA CYS B 25 -13.78 7.48 -9.84
C CYS B 25 -14.58 6.53 -10.73
N MET B 26 -14.24 5.24 -10.72
CA MET B 26 -14.91 4.32 -11.63
C MET B 26 -16.32 4.00 -11.18
N LYS B 27 -16.56 4.13 -9.87
CA LYS B 27 -17.90 3.99 -9.33
C LYS B 27 -18.83 5.11 -9.83
N SER B 28 -18.32 6.33 -9.84
CA SER B 28 -19.10 7.46 -10.32
CA SER B 28 -19.08 7.47 -10.34
C SER B 28 -19.34 7.29 -11.82
N VAL B 29 -18.34 6.80 -12.55
CA VAL B 29 -18.49 6.54 -13.98
C VAL B 29 -19.62 5.55 -14.23
N THR B 30 -19.61 4.45 -13.47
CA THR B 30 -20.61 3.40 -13.59
C THR B 30 -22.02 3.93 -13.31
N GLU B 31 -22.11 4.81 -12.32
CA GLU B 31 -23.39 5.35 -11.86
C GLU B 31 -24.02 6.33 -12.87
N GLN B 32 -23.24 6.77 -13.86
CA GLN B 32 -23.77 7.60 -14.94
C GLN B 32 -24.71 6.81 -15.85
N GLY B 33 -24.69 5.49 -15.75
CA GLY B 33 -25.69 4.66 -16.39
C GLY B 33 -25.38 4.12 -17.78
N ALA B 34 -24.35 4.65 -18.43
CA ALA B 34 -23.97 4.09 -19.74
C ALA B 34 -23.16 2.81 -19.56
N GLU B 35 -23.29 1.90 -20.53
CA GLU B 35 -22.49 0.69 -20.58
C GLU B 35 -21.01 1.03 -20.62
N LEU B 36 -20.20 0.31 -19.84
CA LEU B 36 -18.77 0.59 -19.73
C LEU B 36 -18.00 0.10 -20.96
N SER B 37 -17.05 0.89 -21.41
CA SER B 37 -16.13 0.44 -22.45
C SER B 37 -15.23 -0.64 -21.86
N ASN B 38 -14.50 -1.36 -22.71
CA ASN B 38 -13.59 -2.39 -22.24
C ASN B 38 -12.54 -1.81 -21.30
N GLU B 39 -12.03 -0.65 -21.66
CA GLU B 39 -11.06 0.04 -20.83
C GLU B 39 -11.66 0.39 -19.47
N GLU B 40 -12.86 0.94 -19.47
CA GLU B 40 -13.52 1.34 -18.24
C GLU B 40 -13.82 0.15 -17.34
N ARG B 41 -14.25 -0.96 -17.96
CA ARG B 41 -14.50 -2.22 -17.27
C ARG B 41 -13.25 -2.74 -16.57
N ASN B 42 -12.11 -2.69 -17.26
CA ASN B 42 -10.84 -3.10 -16.66
C ASN B 42 -10.41 -2.23 -15.49
N LEU B 43 -10.53 -0.91 -15.64
CA LEU B 43 -10.16 0.03 -14.59
C LEU B 43 -11.00 -0.16 -13.31
N LEU B 44 -12.30 -0.38 -13.49
CA LEU B 44 -13.21 -0.63 -12.38
C LEU B 44 -12.82 -1.90 -11.64
N SER B 45 -12.61 -2.96 -12.42
CA SER B 45 -12.24 -4.27 -11.91
CA SER B 45 -12.26 -4.26 -11.87
CA SER B 45 -12.26 -4.26 -11.87
C SER B 45 -10.92 -4.23 -11.14
N VAL B 46 -9.93 -3.58 -11.74
CA VAL B 46 -8.60 -3.48 -11.15
C VAL B 46 -8.63 -2.64 -9.86
N ALA B 47 -9.40 -1.56 -9.88
CA ALA B 47 -9.53 -0.70 -8.72
C ALA B 47 -10.12 -1.49 -7.54
N TYR B 48 -11.26 -2.13 -7.74
CA TYR B 48 -11.90 -2.80 -6.62
C TYR B 48 -11.13 -4.07 -6.20
N LYS B 49 -10.45 -4.71 -7.13
CA LYS B 49 -9.64 -5.87 -6.78
C LYS B 49 -8.56 -5.50 -5.77
N ASN B 50 -7.92 -4.36 -5.99
CA ASN B 50 -6.91 -3.86 -5.08
C ASN B 50 -7.49 -3.40 -3.75
N VAL B 51 -8.61 -2.70 -3.81
CA VAL B 51 -9.25 -2.20 -2.60
C VAL B 51 -9.69 -3.36 -1.71
N VAL B 52 -10.47 -4.28 -2.25
CA VAL B 52 -10.93 -5.42 -1.47
C VAL B 52 -9.75 -6.35 -1.12
N GLY B 53 -8.78 -6.45 -2.02
CA GLY B 53 -7.60 -7.28 -1.77
C GLY B 53 -6.79 -6.86 -0.55
N ALA B 54 -6.65 -5.57 -0.30
CA ALA B 54 -5.92 -5.10 0.88
C ALA B 54 -6.61 -5.58 2.16
N ARG B 55 -7.94 -5.60 2.16
CA ARG B 55 -8.68 -6.01 3.35
C ARG B 55 -8.62 -7.51 3.56
N ARG B 56 -8.75 -8.26 2.46
CA ARG B 56 -8.64 -9.71 2.51
C ARG B 56 -7.26 -10.13 3.03
N SER B 57 -6.23 -9.46 2.55
CA SER B 57 -4.88 -9.76 2.99
C SER B 57 -4.74 -9.47 4.50
N SER B 58 -5.26 -8.32 4.93
CA SER B 58 -5.21 -7.90 6.33
C SER B 58 -5.97 -8.90 7.20
N TRP B 59 -7.15 -9.28 6.70
CA TRP B 59 -8.02 -10.22 7.39
C TRP B 59 -7.36 -11.58 7.60
N ARG B 60 -6.60 -12.05 6.61
CA ARG B 60 -5.93 -13.36 6.73
C ARG B 60 -4.78 -13.29 7.74
N VAL B 61 -4.03 -12.19 7.72
CA VAL B 61 -2.95 -11.99 8.68
C VAL B 61 -3.48 -11.92 10.12
N VAL B 62 -4.53 -11.14 10.33
CA VAL B 62 -5.06 -10.93 11.67
C VAL B 62 -5.77 -12.20 12.18
N SER B 63 -6.33 -12.98 11.26
CA SER B 63 -6.98 -14.24 11.64
C SER B 63 -5.92 -15.24 12.12
N SER B 64 -4.83 -15.30 11.37
CA SER B 64 -3.72 -16.20 11.66
C SER B 64 -3.07 -15.86 13.01
N ILE B 65 -3.02 -14.56 13.33
CA ILE B 65 -2.53 -14.11 14.63
C ILE B 65 -3.50 -14.50 15.75
N GLU B 66 -4.78 -14.25 15.51
CA GLU B 66 -5.84 -14.57 16.46
C GLU B 66 -5.88 -16.05 16.83
N GLN B 67 -5.55 -16.91 15.87
CA GLN B 67 -5.57 -18.36 16.09
C GLN B 67 -4.38 -18.80 16.94
N LYS B 68 -3.20 -18.27 16.63
CA LYS B 68 -1.97 -18.66 17.29
C LYS B 68 -1.79 -18.03 18.68
N THR B 69 -2.89 -17.73 19.36
CA THR B 69 -2.84 -17.21 20.73
C THR B 69 -3.90 -17.88 21.60
N GLU B 73 -5.31 -14.61 26.21
CA GLU B 73 -6.77 -14.53 26.27
C GLU B 73 -7.24 -13.08 26.16
N LYS B 74 -6.37 -12.14 26.50
CA LYS B 74 -6.68 -10.71 26.34
C LYS B 74 -6.19 -10.24 24.98
N LYS B 75 -5.06 -10.80 24.55
CA LYS B 75 -4.51 -10.52 23.23
C LYS B 75 -5.31 -11.25 22.14
N GLN B 76 -5.79 -12.45 22.47
CA GLN B 76 -6.59 -13.25 21.53
C GLN B 76 -7.93 -12.58 21.25
N GLN B 77 -8.37 -11.72 22.16
CA GLN B 77 -9.65 -11.07 21.99
C GLN B 77 -9.50 -9.69 21.35
N MET B 78 -8.35 -9.05 21.56
CA MET B 78 -8.05 -7.79 20.89
C MET B 78 -8.03 -8.02 19.38
N ALA B 79 -7.33 -9.07 18.97
CA ALA B 79 -7.25 -9.48 17.58
C ALA B 79 -8.64 -9.68 17.00
N ARG B 80 -9.51 -10.37 17.75
CA ARG B 80 -10.82 -10.71 17.24
C ARG B 80 -11.61 -9.45 16.94
N GLU B 81 -11.48 -8.44 17.78
CA GLU B 81 -12.24 -7.23 17.58
C GLU B 81 -11.62 -6.37 16.46
N TYR B 82 -10.33 -6.55 16.20
CA TYR B 82 -9.67 -5.87 15.08
C TYR B 82 -10.13 -6.54 13.79
N ARG B 83 -10.02 -7.87 13.75
CA ARG B 83 -10.53 -8.66 12.64
C ARG B 83 -11.96 -8.26 12.26
N GLU B 84 -12.81 -8.02 13.25
CA GLU B 84 -14.18 -7.61 12.97
C GLU B 84 -14.27 -6.21 12.38
N LYS B 85 -13.31 -5.36 12.74
CA LYS B 85 -13.23 -4.03 12.14
C LYS B 85 -12.89 -4.15 10.64
N ILE B 86 -11.93 -5.01 10.33
CA ILE B 86 -11.54 -5.28 8.95
C ILE B 86 -12.71 -5.89 8.18
N GLU B 87 -13.41 -6.85 8.78
CA GLU B 87 -14.58 -7.50 8.15
C GLU B 87 -15.64 -6.49 7.72
N THR B 88 -15.86 -5.47 8.52
CA THR B 88 -16.87 -4.49 8.20
C THR B 88 -16.49 -3.65 6.96
N GLU B 89 -15.22 -3.25 6.87
CA GLU B 89 -14.72 -2.57 5.67
C GLU B 89 -14.90 -3.45 4.44
N LEU B 90 -14.52 -4.71 4.61
CA LEU B 90 -14.58 -5.69 3.54
C LEU B 90 -16.00 -5.89 3.05
N ARG B 91 -16.93 -6.04 3.99
CA ARG B 91 -18.32 -6.23 3.64
C ARG B 91 -18.88 -5.02 2.92
N ASP B 92 -18.53 -3.82 3.41
CA ASP B 92 -18.94 -2.58 2.76
C ASP B 92 -18.42 -2.49 1.32
N ILE B 93 -17.18 -2.87 1.10
CA ILE B 93 -16.62 -2.83 -0.25
C ILE B 93 -17.34 -3.83 -1.17
N CYS B 94 -17.51 -5.06 -0.70
CA CYS B 94 -18.21 -6.10 -1.47
C CYS B 94 -19.65 -5.69 -1.82
N ASN B 95 -20.38 -5.14 -0.84
CA ASN B 95 -21.76 -4.70 -1.06
C ASN B 95 -21.83 -3.55 -2.05
N ASP B 96 -20.85 -2.67 -1.96
CA ASP B 96 -20.69 -1.58 -2.93
C ASP B 96 -20.61 -2.13 -4.37
N VAL B 97 -19.69 -3.06 -4.57
CA VAL B 97 -19.46 -3.66 -5.88
C VAL B 97 -20.69 -4.43 -6.36
N LEU B 98 -21.25 -5.22 -5.46
CA LEU B 98 -22.39 -6.06 -5.81
C LEU B 98 -23.61 -5.22 -6.20
N SER B 99 -23.73 -4.05 -5.56
CA SER B 99 -24.82 -3.13 -5.92
C SER B 99 -24.62 -2.50 -7.31
N LEU B 100 -23.39 -2.12 -7.65
CA LEU B 100 -23.10 -1.63 -9.00
C LEU B 100 -23.40 -2.70 -10.04
N LEU B 101 -23.01 -3.94 -9.77
CA LEU B 101 -23.25 -5.06 -10.68
C LEU B 101 -24.75 -5.26 -10.91
N GLU B 102 -25.52 -5.17 -9.83
CA GLU B 102 -26.97 -5.43 -9.92
C GLU B 102 -27.72 -4.30 -10.58
N LYS B 103 -27.33 -3.07 -10.26
CA LYS B 103 -28.09 -1.91 -10.65
C LYS B 103 -27.73 -1.44 -12.06
N PHE B 104 -26.44 -1.56 -12.41
CA PHE B 104 -25.95 -1.03 -13.68
C PHE B 104 -25.32 -2.06 -14.61
N LEU B 105 -24.30 -2.76 -14.12
CA LEU B 105 -23.39 -3.48 -15.02
C LEU B 105 -24.06 -4.68 -15.70
N ILE B 106 -24.68 -5.53 -14.90
CA ILE B 106 -25.26 -6.76 -15.44
C ILE B 106 -26.49 -6.49 -16.30
N PRO B 107 -27.44 -5.65 -15.83
CA PRO B 107 -28.59 -5.39 -16.73
C PRO B 107 -28.23 -4.65 -18.02
N ASN B 108 -27.20 -3.82 -18.01
CA ASN B 108 -26.81 -3.09 -19.22
C ASN B 108 -25.87 -3.83 -20.16
N ALA B 109 -25.40 -5.01 -19.78
CA ALA B 109 -24.37 -5.67 -20.59
C ALA B 109 -25.00 -6.22 -21.87
N SER B 110 -24.62 -5.67 -23.03
CA SER B 110 -25.26 -6.05 -24.29
C SER B 110 -24.48 -7.12 -25.08
N GLN B 111 -23.36 -7.57 -24.55
CA GLN B 111 -22.56 -8.63 -25.17
C GLN B 111 -22.36 -9.80 -24.20
N ALA B 112 -22.29 -11.02 -24.72
CA ALA B 112 -22.07 -12.18 -23.86
C ALA B 112 -20.75 -12.10 -23.09
N GLU B 113 -19.72 -11.59 -23.74
CA GLU B 113 -18.42 -11.47 -23.08
C GLU B 113 -18.48 -10.58 -21.84
N SER B 114 -19.13 -9.41 -21.95
CA SER B 114 -19.33 -8.50 -20.82
CA SER B 114 -19.28 -8.52 -20.81
C SER B 114 -20.25 -9.11 -19.76
N LYS B 115 -21.32 -9.74 -20.22
CA LYS B 115 -22.25 -10.33 -19.28
C LYS B 115 -21.60 -11.46 -18.46
N VAL B 116 -20.85 -12.33 -19.11
CA VAL B 116 -20.14 -13.38 -18.39
C VAL B 116 -19.12 -12.77 -17.42
N PHE B 117 -18.37 -11.76 -17.89
CA PHE B 117 -17.40 -11.06 -17.06
C PHE B 117 -18.05 -10.54 -15.75
N TYR B 118 -19.20 -9.90 -15.86
CA TYR B 118 -19.85 -9.28 -14.71
C TYR B 118 -20.50 -10.32 -13.78
N LEU B 119 -21.05 -11.39 -14.36
CA LEU B 119 -21.62 -12.46 -13.54
C LEU B 119 -20.52 -13.20 -12.79
N LYS B 120 -19.36 -13.38 -13.44
CA LYS B 120 -18.23 -13.99 -12.76
C LYS B 120 -17.79 -13.10 -11.59
N MET B 121 -17.82 -11.79 -11.84
CA MET B 121 -17.44 -10.81 -10.83
C MET B 121 -18.43 -10.85 -9.64
N LYS B 122 -19.70 -11.08 -9.93
CA LYS B 122 -20.72 -11.25 -8.89
C LYS B 122 -20.44 -12.49 -8.05
N GLY B 123 -20.15 -13.60 -8.72
CA GLY B 123 -19.75 -14.84 -8.06
C GLY B 123 -18.55 -14.60 -7.16
N ASP B 124 -17.56 -13.88 -7.70
CA ASP B 124 -16.34 -13.58 -6.98
C ASP B 124 -16.61 -12.77 -5.69
N TYR B 125 -17.39 -11.68 -5.79
CA TYR B 125 -17.55 -10.81 -4.63
C TYR B 125 -18.50 -11.42 -3.58
N TYR B 126 -19.44 -12.26 -3.99
CA TYR B 126 -20.18 -13.06 -3.00
C TYR B 126 -19.28 -14.10 -2.36
N ARG B 127 -18.26 -14.55 -3.09
CA ARG B 127 -17.32 -15.52 -2.53
C ARG B 127 -16.49 -14.83 -1.43
N TYR B 128 -16.09 -13.59 -1.67
CA TYR B 128 -15.30 -12.85 -0.67
C TYR B 128 -16.14 -12.62 0.60
N LEU B 129 -17.43 -12.32 0.43
CA LEU B 129 -18.37 -12.25 1.56
C LEU B 129 -18.46 -13.59 2.32
N ALA B 130 -18.52 -14.69 1.57
CA ALA B 130 -18.56 -16.02 2.20
C ALA B 130 -17.27 -16.36 2.94
N GLU B 131 -16.13 -15.83 2.48
CA GLU B 131 -14.86 -16.06 3.14
C GLU B 131 -14.88 -15.60 4.61
N VAL B 132 -15.71 -14.60 4.91
CA VAL B 132 -15.78 -14.03 6.26
C VAL B 132 -17.19 -14.08 6.83
N ALA B 133 -18.05 -14.92 6.25
CA ALA B 133 -19.40 -15.06 6.75
C ALA B 133 -19.43 -16.07 7.89
N ALA B 134 -20.37 -15.87 8.81
CA ALA B 134 -20.45 -16.75 9.97
C ALA B 134 -21.86 -17.30 10.18
N GLY B 135 -21.92 -18.58 10.53
CA GLY B 135 -23.14 -19.23 10.98
C GLY B 135 -24.33 -19.19 10.03
N ASP B 136 -25.34 -18.42 10.43
CA ASP B 136 -26.63 -18.45 9.75
C ASP B 136 -26.56 -17.85 8.35
N ASP B 137 -25.85 -16.74 8.22
CA ASP B 137 -25.86 -15.95 6.99
C ASP B 137 -25.03 -16.58 5.87
N LYS B 138 -24.09 -17.44 6.24
CA LYS B 138 -23.13 -17.99 5.30
C LYS B 138 -23.77 -18.79 4.17
N LYS B 139 -24.81 -19.56 4.49
CA LYS B 139 -25.41 -20.46 3.51
C LYS B 139 -26.11 -19.69 2.39
N GLY B 140 -26.76 -18.59 2.74
CA GLY B 140 -27.41 -17.74 1.76
C GLY B 140 -26.42 -16.98 0.89
N ILE B 141 -25.27 -16.64 1.46
CA ILE B 141 -24.20 -15.98 0.71
C ILE B 141 -23.61 -16.94 -0.30
N VAL B 142 -23.26 -18.14 0.19
CA VAL B 142 -22.67 -19.19 -0.63
C VAL B 142 -23.58 -19.55 -1.81
N ASP B 143 -24.89 -19.54 -1.58
CA ASP B 143 -25.83 -19.85 -2.65
C ASP B 143 -25.86 -18.76 -3.72
N GLN B 144 -25.74 -17.51 -3.30
CA GLN B 144 -25.77 -16.41 -4.25
C GLN B 144 -24.51 -16.39 -5.12
N SER B 145 -23.39 -16.77 -4.52
CA SER B 145 -22.14 -16.90 -5.27
C SER B 145 -22.29 -17.97 -6.34
N GLN B 146 -22.81 -19.12 -5.94
CA GLN B 146 -22.91 -20.27 -6.82
C GLN B 146 -23.88 -20.01 -7.97
N GLN B 147 -24.98 -19.33 -7.67
CA GLN B 147 -25.94 -19.04 -8.72
C GLN B 147 -25.39 -18.05 -9.74
N ALA B 148 -24.55 -17.12 -9.29
CA ALA B 148 -23.94 -16.15 -10.19
C ALA B 148 -22.92 -16.85 -11.11
N TYR B 149 -22.06 -17.67 -10.52
CA TYR B 149 -21.11 -18.45 -11.29
C TYR B 149 -21.82 -19.36 -12.30
N GLN B 150 -22.91 -19.98 -11.87
CA GLN B 150 -23.61 -20.97 -12.69
C GLN B 150 -24.24 -20.29 -13.90
N GLU B 151 -24.83 -19.13 -13.66
CA GLU B 151 -25.39 -18.33 -14.72
C GLU B 151 -24.33 -17.87 -15.71
N ALA B 152 -23.17 -17.44 -15.21
CA ALA B 152 -22.06 -17.07 -16.06
C ALA B 152 -21.62 -18.26 -16.88
N PHE B 153 -21.61 -19.43 -16.23
CA PHE B 153 -21.06 -20.64 -16.81
C PHE B 153 -21.89 -21.08 -18.00
N GLU B 154 -23.22 -21.01 -17.85
CA GLU B 154 -24.15 -21.43 -18.90
C GLU B 154 -24.04 -20.54 -20.12
N ILE B 155 -23.89 -19.23 -19.90
CA ILE B 155 -23.73 -18.31 -21.00
C ILE B 155 -22.41 -18.56 -21.72
N SER B 156 -21.32 -18.69 -20.96
CA SER B 156 -20.01 -18.87 -21.58
C SER B 156 -19.93 -20.18 -22.35
N LYS B 157 -20.65 -21.20 -21.89
CA LYS B 157 -20.67 -22.48 -22.61
C LYS B 157 -21.31 -22.35 -24.00
N LYS B 158 -22.39 -21.57 -24.08
CA LYS B 158 -23.08 -21.33 -25.34
C LYS B 158 -22.38 -20.35 -26.28
N GLU B 159 -21.76 -19.30 -25.73
CA GLU B 159 -21.32 -18.18 -26.56
C GLU B 159 -19.83 -18.01 -26.73
N MET B 160 -19.03 -18.67 -25.91
CA MET B 160 -17.59 -18.44 -25.99
C MET B 160 -16.84 -19.71 -26.35
N GLN B 161 -15.70 -19.53 -27.01
CA GLN B 161 -14.80 -20.64 -27.31
C GLN B 161 -14.23 -21.17 -26.00
N PRO B 162 -13.98 -22.49 -25.95
CA PRO B 162 -13.40 -23.09 -24.75
C PRO B 162 -12.06 -22.50 -24.32
N THR B 163 -11.29 -21.91 -25.23
CA THR B 163 -10.01 -21.30 -24.85
C THR B 163 -10.14 -19.79 -24.53
N HIS B 164 -11.35 -19.26 -24.61
CA HIS B 164 -11.52 -17.83 -24.29
C HIS B 164 -11.13 -17.56 -22.83
N PRO B 165 -10.19 -16.63 -22.59
CA PRO B 165 -9.64 -16.40 -21.25
C PRO B 165 -10.68 -16.09 -20.18
N ILE B 166 -11.79 -15.47 -20.55
CA ILE B 166 -12.82 -15.21 -19.56
C ILE B 166 -13.57 -16.51 -19.21
N ARG B 167 -13.84 -17.33 -20.21
CA ARG B 167 -14.44 -18.64 -19.97
C ARG B 167 -13.53 -19.51 -19.09
N LEU B 168 -12.24 -19.50 -19.41
CA LEU B 168 -11.26 -20.25 -18.63
C LEU B 168 -11.15 -19.71 -17.19
N GLY B 169 -11.14 -18.38 -17.05
CA GLY B 169 -10.95 -17.76 -15.75
C GLY B 169 -12.15 -18.01 -14.85
N LEU B 170 -13.32 -18.06 -15.48
CA LEU B 170 -14.55 -18.46 -14.81
C LEU B 170 -14.49 -19.91 -14.30
N ALA B 171 -14.16 -20.85 -15.18
CA ALA B 171 -14.06 -22.25 -14.77
C ALA B 171 -13.07 -22.38 -13.61
N LEU B 172 -11.95 -21.66 -13.71
CA LEU B 172 -10.94 -21.67 -12.65
C LEU B 172 -11.53 -21.19 -11.32
N ASN B 173 -12.12 -20.00 -11.30
CA ASN B 173 -12.66 -19.44 -10.06
C ASN B 173 -13.85 -20.21 -9.52
N PHE B 174 -14.68 -20.72 -10.41
CA PHE B 174 -15.84 -21.49 -10.03
C PHE B 174 -15.36 -22.81 -9.40
N SER B 175 -14.30 -23.38 -9.96
CA SER B 175 -13.78 -24.64 -9.44
C SER B 175 -13.18 -24.41 -8.05
N VAL B 176 -12.50 -23.28 -7.88
CA VAL B 176 -11.93 -22.89 -6.59
C VAL B 176 -13.04 -22.72 -5.54
N PHE B 177 -14.14 -22.09 -5.94
CA PHE B 177 -15.30 -21.97 -5.07
C PHE B 177 -15.83 -23.33 -4.58
N TYR B 178 -15.97 -24.28 -5.50
CA TYR B 178 -16.41 -25.63 -5.12
C TYR B 178 -15.48 -26.26 -4.09
N TYR B 179 -14.18 -26.07 -4.29
CA TYR B 179 -13.17 -26.67 -3.45
C TYR B 179 -13.05 -25.96 -2.11
N GLU B 180 -12.80 -24.65 -2.14
CA GLU B 180 -12.55 -23.85 -0.95
C GLU B 180 -13.78 -23.44 -0.14
N ILE B 181 -14.89 -23.17 -0.81
CA ILE B 181 -16.07 -22.63 -0.14
C ILE B 181 -17.09 -23.73 0.14
N LEU B 182 -17.30 -24.63 -0.83
CA LEU B 182 -18.27 -25.69 -0.67
C LEU B 182 -17.62 -26.99 -0.18
N ASN B 183 -16.31 -26.98 -0.05
CA ASN B 183 -15.52 -28.17 0.27
C ASN B 183 -15.98 -29.43 -0.46
N SER B 184 -16.11 -29.34 -1.78
CA SER B 184 -16.58 -30.46 -2.59
C SER B 184 -15.68 -30.73 -3.80
N PRO B 185 -14.46 -31.23 -3.56
CA PRO B 185 -13.49 -31.40 -4.65
C PRO B 185 -13.97 -32.35 -5.76
N GLU B 186 -15.01 -33.13 -5.51
CA GLU B 186 -15.56 -34.00 -6.56
C GLU B 186 -16.23 -33.14 -7.64
N LYS B 187 -16.94 -32.10 -7.20
CA LYS B 187 -17.55 -31.15 -8.13
C LYS B 187 -16.48 -30.24 -8.73
N ALA B 188 -15.51 -29.85 -7.91
CA ALA B 188 -14.43 -28.95 -8.32
C ALA B 188 -13.56 -29.57 -9.40
N CYS B 189 -13.22 -30.85 -9.20
CA CYS B 189 -12.35 -31.59 -10.12
C CYS B 189 -13.05 -31.82 -11.44
N SER B 190 -14.30 -32.26 -11.36
CA SER B 190 -15.13 -32.49 -12.52
C SER B 190 -15.24 -31.24 -13.42
N LEU B 191 -15.52 -30.09 -12.81
CA LEU B 191 -15.74 -28.88 -13.58
C LEU B 191 -14.44 -28.39 -14.21
N ALA B 192 -13.35 -28.46 -13.45
CA ALA B 192 -12.08 -27.99 -13.95
C ALA B 192 -11.58 -28.93 -15.04
N LYS B 193 -11.82 -30.22 -14.86
CA LYS B 193 -11.40 -31.22 -15.84
C LYS B 193 -12.13 -31.03 -17.15
N THR B 194 -13.45 -30.90 -17.07
CA THR B 194 -14.26 -30.67 -18.25
C THR B 194 -13.80 -29.41 -18.99
N ALA B 195 -13.53 -28.35 -18.23
CA ALA B 195 -13.09 -27.09 -18.82
C ALA B 195 -11.71 -27.23 -19.47
N PHE B 196 -10.79 -27.89 -18.78
CA PHE B 196 -9.47 -28.14 -19.33
C PHE B 196 -9.54 -28.98 -20.62
N ASP B 197 -10.34 -30.04 -20.59
CA ASP B 197 -10.42 -30.97 -21.72
C ASP B 197 -11.03 -30.30 -22.95
N GLU B 198 -12.03 -29.45 -22.75
CA GLU B 198 -12.64 -28.77 -23.89
C GLU B 198 -11.66 -27.81 -24.56
N ALA B 199 -10.83 -27.15 -23.75
CA ALA B 199 -9.84 -26.20 -24.25
C ALA B 199 -8.72 -26.91 -25.01
N ILE B 200 -8.27 -28.05 -24.51
CA ILE B 200 -7.23 -28.76 -25.23
C ILE B 200 -7.76 -29.40 -26.51
N ALA B 201 -9.01 -29.81 -26.53
CA ALA B 201 -9.59 -30.34 -27.77
C ALA B 201 -9.61 -29.26 -28.85
N GLU B 202 -9.89 -28.03 -28.45
CA GLU B 202 -9.87 -26.94 -29.41
C GLU B 202 -8.45 -26.69 -29.94
N LEU B 203 -7.47 -26.64 -29.04
CA LEU B 203 -6.09 -26.41 -29.50
C LEU B 203 -5.50 -27.55 -30.34
N ASP B 204 -6.01 -28.77 -30.14
CA ASP B 204 -5.62 -29.89 -30.99
C ASP B 204 -6.16 -29.74 -32.42
N THR B 205 -7.19 -28.92 -32.57
CA THR B 205 -7.88 -28.76 -33.84
C THR B 205 -7.32 -27.59 -34.63
N LEU B 206 -7.24 -26.43 -33.99
CA LEU B 206 -6.73 -25.21 -34.60
C LEU B 206 -5.21 -25.26 -34.66
N SER B 207 -4.63 -24.53 -35.59
CA SER B 207 -3.17 -24.39 -35.62
C SER B 207 -2.64 -23.30 -34.69
N GLU B 208 -3.45 -22.25 -34.48
CA GLU B 208 -3.01 -21.09 -33.69
C GLU B 208 -3.91 -20.85 -32.49
N GLU B 209 -3.32 -20.50 -31.36
CA GLU B 209 -4.11 -20.05 -30.22
C GLU B 209 -4.80 -18.73 -30.59
N SER B 210 -6.09 -18.64 -30.31
CA SER B 210 -6.85 -17.43 -30.64
C SER B 210 -6.61 -16.28 -29.67
N TYR B 211 -6.25 -16.60 -28.42
CA TYR B 211 -6.03 -15.59 -27.39
C TYR B 211 -4.68 -15.80 -26.71
N LYS B 212 -4.00 -14.69 -26.42
CA LYS B 212 -2.65 -14.72 -25.83
C LYS B 212 -2.51 -15.43 -24.47
N ASP B 213 -3.53 -15.37 -23.61
CA ASP B 213 -3.40 -15.90 -22.25
C ASP B 213 -4.08 -17.25 -22.01
N SER B 214 -4.64 -17.84 -23.06
CA SER B 214 -5.36 -19.10 -22.92
C SER B 214 -4.52 -20.16 -22.22
N THR B 215 -3.32 -20.43 -22.74
CA THR B 215 -2.57 -21.60 -22.27
C THR B 215 -2.12 -21.47 -20.81
N LEU B 216 -1.76 -20.27 -20.37
CA LEU B 216 -1.36 -20.12 -18.97
C LEU B 216 -2.53 -20.38 -18.00
N ILE B 217 -3.74 -19.92 -18.32
CA ILE B 217 -4.88 -20.22 -17.46
C ILE B 217 -5.23 -21.70 -17.51
N MET B 218 -5.09 -22.31 -18.69
CA MET B 218 -5.24 -23.76 -18.80
C MET B 218 -4.29 -24.50 -17.87
N GLN B 219 -3.08 -23.96 -17.68
CA GLN B 219 -2.11 -24.57 -16.80
C GLN B 219 -2.59 -24.51 -15.35
N LEU B 220 -3.14 -23.37 -14.96
CA LEU B 220 -3.71 -23.21 -13.62
C LEU B 220 -4.76 -24.27 -13.37
N LEU B 221 -5.65 -24.46 -14.33
CA LEU B 221 -6.68 -25.51 -14.23
C LEU B 221 -6.10 -26.90 -14.00
N ARG B 222 -5.10 -27.29 -14.78
CA ARG B 222 -4.53 -28.63 -14.63
C ARG B 222 -3.76 -28.79 -13.33
N ASP B 223 -3.04 -27.75 -12.93
CA ASP B 223 -2.27 -27.81 -11.69
C ASP B 223 -3.17 -28.03 -10.47
N ASN B 224 -4.28 -27.30 -10.39
CA ASN B 224 -5.32 -27.61 -9.41
C ASN B 224 -5.87 -29.03 -9.61
N LEU B 225 -6.03 -29.45 -10.86
CA LEU B 225 -6.51 -30.79 -11.17
C LEU B 225 -5.54 -31.86 -10.70
N THR B 226 -4.26 -31.53 -10.71
CA THR B 226 -3.21 -32.46 -10.32
C THR B 226 -3.00 -32.38 -8.81
N LEU B 227 -3.11 -31.16 -8.26
CA LEU B 227 -2.98 -30.94 -6.82
C LEU B 227 -4.14 -31.60 -6.07
N TRP B 228 -5.37 -31.27 -6.44
CA TRP B 228 -6.52 -32.05 -6.01
C TRP B 228 -6.27 -33.44 -6.55
N THR B 229 -5.93 -34.39 -5.67
N THR B 229 -7.22 -37.00 -5.25
CA THR B 229 -5.46 -35.69 -6.13
CA THR B 229 -8.46 -36.62 -5.92
C THR B 229 -6.08 -36.83 -5.33
C THR B 229 -8.19 -35.90 -7.23
N ARG C 5 -5.51 -21.91 -4.58
CA ARG C 5 -4.81 -20.82 -3.92
C ARG C 5 -4.66 -19.65 -4.88
N ILE C 6 -5.01 -19.88 -6.14
CA ILE C 6 -4.91 -18.84 -7.16
C ILE C 6 -6.24 -18.68 -7.89
N SEP C 7 -6.65 -17.43 -8.03
CA SEP C 7 -7.84 -17.01 -8.76
CB SEP C 7 -8.87 -16.37 -7.79
OG SEP C 7 -8.26 -15.32 -7.05
C SEP C 7 -7.33 -15.97 -9.75
O SEP C 7 -6.23 -15.44 -9.59
P SEP C 7 -9.20 -14.53 -5.98
O1P SEP C 7 -9.65 -15.49 -4.79
O2P SEP C 7 -10.53 -13.98 -6.70
O3P SEP C 7 -8.30 -13.28 -5.47
N VAL C 8 -8.13 -15.64 -10.77
CA VAL C 8 -7.63 -14.75 -11.81
C VAL C 8 -8.65 -13.66 -12.21
N ILE C 9 -8.13 -12.48 -12.53
CA ILE C 9 -8.92 -11.40 -13.12
C ILE C 9 -8.46 -11.16 -14.56
N SER C 10 -9.41 -11.07 -15.49
CA SER C 10 -9.07 -10.95 -16.90
C SER C 10 -9.06 -9.51 -17.40
N THR C 11 -8.01 -9.17 -18.14
CA THR C 11 -7.91 -7.89 -18.81
C THR C 11 -8.14 -8.05 -20.30
N GLY C 12 -9.18 -7.40 -20.81
CA GLY C 12 -9.52 -7.47 -22.21
C GLY C 12 -8.43 -6.93 -23.10
N ARG C 18 19.20 4.44 -8.97
CA ARG C 18 19.66 4.28 -7.59
C ARG C 18 19.40 5.59 -6.85
N ARG C 19 18.28 5.65 -6.14
CA ARG C 19 17.93 6.85 -5.40
C ARG C 19 18.79 6.96 -4.13
N ARG C 20 19.15 8.19 -3.77
CA ARG C 20 19.82 8.45 -2.50
C ARG C 20 19.08 7.80 -1.32
N GLN C 21 19.81 7.34 -0.31
CA GLN C 21 19.13 6.81 0.88
C GLN C 21 19.00 7.88 1.99
N SEP C 22 17.86 7.90 2.65
CA SEP C 22 17.76 8.55 3.96
CB SEP C 22 16.69 9.65 3.94
OG SEP C 22 15.48 9.10 3.47
C SEP C 22 17.39 7.45 4.95
O SEP C 22 16.86 6.41 4.55
P SEP C 22 14.18 10.04 3.45
O1P SEP C 22 12.90 9.20 3.09
O2P SEP C 22 14.41 11.24 2.42
O3P SEP C 22 13.97 10.67 4.92
N VAL C 23 17.65 7.66 6.25
CA VAL C 23 17.53 6.55 7.19
C VAL C 23 16.70 6.89 8.43
N LEU C 24 15.92 5.91 8.87
CA LEU C 24 15.24 5.92 10.17
C LEU C 24 15.93 4.94 11.12
N ASN C 25 16.45 5.43 12.24
CA ASN C 25 17.12 4.58 13.22
C ASN C 25 16.14 3.85 14.13
N LEU C 26 16.23 2.52 14.14
CA LEU C 26 15.35 1.75 15.02
C LEU C 26 16.17 1.06 16.10
N MET C 27 16.43 1.77 17.19
CA MET C 27 17.29 1.29 18.27
C MET C 27 16.56 0.29 19.15
N THR C 28 17.19 -0.86 19.38
CA THR C 28 16.60 -1.86 20.27
C THR C 28 16.96 -1.58 21.73
C1 GLC D . -6.34 11.61 9.02
C2 GLC D . -6.85 11.40 10.44
C3 GLC D . -6.46 12.59 11.31
C4 GLC D . -4.96 12.84 11.23
C5 GLC D . -4.52 12.98 9.78
C6 GLC D . -3.02 13.09 9.63
O2 GLC D . -8.26 11.23 10.43
O3 GLC D . -6.85 12.37 12.66
O4 GLC D . -4.63 14.02 11.95
O5 GLC D . -4.93 11.80 9.04
O6 GLC D . -2.34 12.01 10.26
C1 FRU D . -8.74 12.04 7.05
C2 FRU D . -7.41 12.77 7.15
C3 FRU D . -7.41 14.23 6.70
C4 FRU D . -5.94 14.41 6.30
C5 FRU D . -5.65 13.08 5.63
C6 FRU D . -4.21 12.62 5.71
O1 FRU D . -9.25 12.08 5.73
O2 FRU D . -6.98 12.78 8.52
O3 FRU D . -7.82 15.11 7.74
O4 FRU D . -5.72 15.49 5.39
O5 FRU D . -6.47 12.12 6.31
O6 FRU D . -4.10 11.32 5.10
C1 GLC E . -15.76 4.07 1.55
C2 GLC E . -16.51 5.06 0.66
C3 GLC E . -17.92 4.55 0.43
C4 GLC E . -17.86 3.15 -0.19
C5 GLC E . -17.05 2.22 0.70
C6 GLC E . -16.82 0.85 0.10
O2 GLC E . -16.55 6.34 1.28
O3 GLC E . -18.65 5.43 -0.42
O4 GLC E . -19.19 2.64 -0.34
O5 GLC E . -15.74 2.79 0.94
O6 GLC E . -16.17 0.89 -1.17
C1 FRU E . -15.13 5.24 4.45
C2 FRU E . -15.64 3.87 4.00
C3 FRU E . -16.51 3.15 5.04
C4 FRU E . -16.25 1.69 4.67
C5 FRU E . -14.75 1.74 4.38
C6 FRU E . -14.24 0.65 3.46
O1 FRU E . -14.40 5.15 5.65
O2 FRU E . -16.43 4.01 2.82
O3 FRU E . -17.87 3.53 4.99
O4 FRU E . -16.53 0.75 5.71
O5 FRU E . -14.51 3.03 3.79
O6 FRU E . -12.84 0.79 3.28
CL CL F . 6.61 -0.66 25.42
CL CL G . -6.63 5.20 18.85
CL CL H . 32.24 0.64 4.84
CL CL I . -12.82 4.89 -22.36
#